data_2VNI
#
_entry.id   2VNI
#
_cell.length_a   121.116
_cell.length_b   121.116
_cell.length_c   50.574
_cell.angle_alpha   90.00
_cell.angle_beta   90.00
_cell.angle_gamma   120.00
#
_symmetry.space_group_name_H-M   'P 31 2 1'
#
loop_
_entity.id
_entity.type
_entity.pdbx_description
1 polymer 'NADPH\:FERREDOXIN REDUCTASE'
2 non-polymer 'FLAVIN-ADENINE DINUCLEOTIDE'
3 non-polymer "ADENOSINE-2'-5'-DIPHOSPHATE"
4 non-polymer 'heptyl 1-thio-beta-D-glucopyranoside'
5 water water
#
_entity_poly.entity_id   1
_entity_poly.type   'polypeptide(L)'
_entity_poly.pdbx_seq_one_letter_code
;TTVNETTPIAPAKVLPDAQTVTSVRHWTDTLFSFRVTRPQTLRFRSGEFVMIGLLDDNGKPIMRAYSIASPAWDEELEFY
SIKVPDGPLTSRLQHIKVGEQIILRPKPVGTLVIDALLPGKRLWFLATGTGIAPFASLMREPEAYEKFDEVIMMHACRTV
AELEYGRQLVEALQEDPLIGELVEGKLKYYPTTTREEFHHMGRITDNLASGKVFEDLGIAPMNPETDRAMVCGSLAFNVD
VMKVLESYGLREGANSEPREFVVEKAFVGEGI
;
_entity_poly.pdbx_strand_id   A
#
loop_
_chem_comp.id
_chem_comp.type
_chem_comp.name
_chem_comp.formula
A2P non-polymer ADENOSINE-2'-5'-DIPHOSPHATE 'C10 H15 N5 O10 P2'
FAD non-polymer 'FLAVIN-ADENINE DINUCLEOTIDE' 'C27 H33 N9 O15 P2'
HTG D-saccharide 'heptyl 1-thio-beta-D-glucopyranoside' 'C13 H26 O5 S'
#
# COMPACT_ATOMS: atom_id res chain seq x y z
N PRO A 16 13.12 -20.92 5.91
CA PRO A 16 12.87 -19.94 4.82
C PRO A 16 12.45 -20.67 3.55
N ASP A 17 11.30 -20.28 3.00
CA ASP A 17 10.78 -20.88 1.79
C ASP A 17 11.33 -20.28 0.51
N ALA A 18 11.22 -21.06 -0.56
CA ALA A 18 11.63 -20.63 -1.88
C ALA A 18 10.35 -20.79 -2.69
N GLN A 19 9.86 -19.67 -3.22
CA GLN A 19 8.64 -19.69 -4.00
C GLN A 19 8.98 -19.27 -5.43
N THR A 20 8.11 -19.62 -6.37
CA THR A 20 8.36 -19.32 -7.78
C THR A 20 7.61 -18.12 -8.35
N VAL A 21 8.32 -17.34 -9.16
CA VAL A 21 7.74 -16.17 -9.83
C VAL A 21 6.83 -16.68 -10.94
N THR A 22 5.57 -16.25 -10.94
CA THR A 22 4.61 -16.67 -11.96
C THR A 22 4.28 -15.57 -12.97
N SER A 23 4.75 -14.35 -12.71
CA SER A 23 4.50 -13.24 -13.62
C SER A 23 5.24 -12.00 -13.16
N VAL A 24 5.67 -11.20 -14.12
CA VAL A 24 6.39 -9.96 -13.84
C VAL A 24 5.89 -8.84 -14.75
N ARG A 25 5.86 -7.63 -14.22
CA ARG A 25 5.43 -6.48 -14.99
C ARG A 25 6.23 -5.25 -14.61
N HIS A 26 6.84 -4.60 -15.59
CA HIS A 26 7.63 -3.41 -15.33
C HIS A 26 6.79 -2.17 -15.62
N TRP A 27 6.77 -1.26 -14.66
CA TRP A 27 5.97 -0.03 -14.80
C TRP A 27 6.79 1.16 -15.24
N THR A 28 7.95 1.37 -14.63
CA THR A 28 8.80 2.48 -14.99
C THR A 28 10.24 2.00 -14.80
N ASP A 29 11.19 2.90 -15.01
CA ASP A 29 12.59 2.57 -14.84
C ASP A 29 12.96 2.33 -13.39
N THR A 30 12.00 2.49 -12.48
CA THR A 30 12.28 2.30 -11.04
C THR A 30 11.22 1.48 -10.31
N LEU A 31 10.20 1.02 -11.04
CA LEU A 31 9.11 0.26 -10.41
C LEU A 31 8.66 -0.98 -11.18
N PHE A 32 8.39 -2.04 -10.45
CA PHE A 32 7.89 -3.26 -11.07
C PHE A 32 7.12 -4.06 -10.06
N SER A 33 6.23 -4.93 -10.55
CA SER A 33 5.46 -5.79 -9.67
C SER A 33 5.60 -7.24 -10.16
N PHE A 34 5.43 -8.20 -9.26
CA PHE A 34 5.52 -9.60 -9.63
C PHE A 34 4.68 -10.47 -8.71
N ARG A 35 4.34 -11.65 -9.17
CA ARG A 35 3.54 -12.57 -8.36
C ARG A 35 4.32 -13.85 -8.15
N VAL A 36 4.09 -14.51 -7.03
CA VAL A 36 4.77 -15.74 -6.72
C VAL A 36 3.81 -16.72 -6.06
N THR A 37 4.14 -18.00 -6.13
CA THR A 37 3.32 -19.03 -5.52
C THR A 37 3.35 -18.81 -4.00
N ARG A 38 2.22 -19.06 -3.33
CA ARG A 38 2.16 -18.86 -1.89
C ARG A 38 2.30 -20.18 -1.14
N PRO A 39 3.07 -20.17 -0.03
CA PRO A 39 3.21 -21.42 0.73
C PRO A 39 1.81 -21.78 1.22
N GLN A 40 1.42 -23.04 1.08
CA GLN A 40 0.09 -23.49 1.50
C GLN A 40 -0.26 -23.08 2.92
N THR A 41 0.75 -23.06 3.78
CA THR A 41 0.60 -22.72 5.18
C THR A 41 0.53 -21.24 5.55
N LEU A 42 1.20 -20.40 4.77
CA LEU A 42 1.23 -18.96 5.04
C LEU A 42 -0.15 -18.33 5.20
N ARG A 43 -0.36 -17.75 6.38
CA ARG A 43 -1.62 -17.07 6.69
C ARG A 43 -1.28 -15.65 7.12
N PHE A 44 -2.06 -14.67 6.67
CA PHE A 44 -1.80 -13.29 7.07
C PHE A 44 -3.04 -12.43 6.92
N ARG A 45 -2.95 -11.21 7.44
CA ARG A 45 -4.04 -10.26 7.34
C ARG A 45 -3.63 -9.18 6.34
N SER A 46 -4.51 -8.89 5.39
CA SER A 46 -4.22 -7.89 4.38
C SER A 46 -3.61 -6.64 5.03
N GLY A 47 -2.51 -6.17 4.46
CA GLY A 47 -1.81 -5.01 4.96
C GLY A 47 -0.48 -5.34 5.60
N GLU A 48 -0.31 -6.57 6.03
CA GLU A 48 0.94 -6.97 6.67
C GLU A 48 2.07 -7.19 5.66
N PHE A 49 3.29 -7.29 6.18
CA PHE A 49 4.47 -7.51 5.34
C PHE A 49 5.27 -8.73 5.76
N VAL A 50 6.21 -9.15 4.91
CA VAL A 50 7.06 -10.30 5.18
C VAL A 50 8.44 -10.00 4.61
N MET A 51 9.41 -10.82 4.96
CA MET A 51 10.76 -10.62 4.45
C MET A 51 10.91 -11.50 3.21
N ILE A 52 11.50 -10.95 2.16
CA ILE A 52 11.73 -11.72 0.95
C ILE A 52 13.15 -11.36 0.52
N GLY A 53 13.73 -12.12 -0.40
CA GLY A 53 15.08 -11.82 -0.85
C GLY A 53 15.65 -12.76 -1.89
N LEU A 54 16.96 -12.61 -2.12
CA LEU A 54 17.71 -13.43 -3.08
C LEU A 54 19.07 -13.73 -2.47
N LEU A 55 19.81 -14.64 -3.07
CA LEU A 55 21.15 -14.96 -2.56
C LEU A 55 22.17 -14.14 -3.31
N ASP A 56 23.24 -13.72 -2.64
CA ASP A 56 24.28 -12.96 -3.31
C ASP A 56 25.12 -13.97 -4.10
N ASP A 57 26.36 -13.60 -4.42
CA ASP A 57 27.20 -14.52 -5.17
C ASP A 57 27.78 -15.63 -4.31
N ASN A 58 28.11 -15.32 -3.05
CA ASN A 58 28.66 -16.34 -2.16
C ASN A 58 27.56 -17.22 -1.60
N GLY A 59 26.34 -17.00 -2.07
CA GLY A 59 25.21 -17.78 -1.58
C GLY A 59 24.62 -17.31 -0.26
N LYS A 60 24.90 -16.06 0.13
CA LYS A 60 24.36 -15.53 1.39
C LYS A 60 23.09 -14.73 1.10
N PRO A 61 21.99 -15.01 1.83
CA PRO A 61 20.71 -14.33 1.63
C PRO A 61 20.73 -12.82 1.84
N ILE A 62 20.04 -12.11 0.97
CA ILE A 62 19.90 -10.66 1.06
C ILE A 62 18.40 -10.52 1.23
N MET A 63 17.97 -10.21 2.46
CA MET A 63 16.54 -10.07 2.79
C MET A 63 16.09 -8.65 3.07
N ARG A 64 14.85 -8.35 2.70
CA ARG A 64 14.27 -7.03 2.90
C ARG A 64 12.79 -7.16 3.19
N ALA A 65 12.26 -6.25 4.00
CA ALA A 65 10.84 -6.29 4.31
C ALA A 65 10.05 -5.86 3.08
N TYR A 66 8.91 -6.50 2.85
CA TYR A 66 8.06 -6.18 1.71
C TYR A 66 6.59 -6.38 2.08
N SER A 67 5.78 -5.35 1.85
CA SER A 67 4.35 -5.46 2.12
C SER A 67 3.81 -6.46 1.11
N ILE A 68 2.85 -7.28 1.53
CA ILE A 68 2.23 -8.20 0.61
C ILE A 68 1.14 -7.39 -0.10
N ALA A 69 1.40 -7.13 -1.38
CA ALA A 69 0.50 -6.34 -2.23
C ALA A 69 -0.81 -7.02 -2.59
N SER A 70 -0.92 -8.32 -2.36
CA SER A 70 -2.15 -9.06 -2.65
C SER A 70 -2.98 -9.32 -1.38
N PRO A 71 -4.32 -9.41 -1.51
CA PRO A 71 -5.21 -9.67 -0.38
C PRO A 71 -5.02 -11.03 0.28
N ALA A 72 -5.45 -11.13 1.53
CA ALA A 72 -5.31 -12.37 2.28
C ALA A 72 -5.94 -13.60 1.61
N TRP A 73 -6.99 -13.40 0.83
CA TRP A 73 -7.67 -14.51 0.17
C TRP A 73 -7.06 -14.97 -1.15
N ASP A 74 -6.18 -14.17 -1.72
CA ASP A 74 -5.55 -14.50 -3.00
C ASP A 74 -4.57 -15.66 -2.89
N GLU A 75 -4.84 -16.72 -3.66
CA GLU A 75 -4.02 -17.92 -3.67
C GLU A 75 -2.57 -17.70 -4.09
N GLU A 76 -2.30 -16.53 -4.68
CA GLU A 76 -0.95 -16.17 -5.09
C GLU A 76 -0.53 -14.92 -4.33
N LEU A 77 0.77 -14.70 -4.22
CA LEU A 77 1.29 -13.52 -3.53
C LEU A 77 1.79 -12.51 -4.56
N GLU A 78 1.50 -11.23 -4.33
CA GLU A 78 1.94 -10.16 -5.22
C GLU A 78 2.83 -9.19 -4.44
N PHE A 79 3.74 -8.52 -5.14
CA PHE A 79 4.63 -7.53 -4.54
C PHE A 79 4.82 -6.35 -5.49
N TYR A 80 4.93 -5.15 -4.92
CA TYR A 80 5.14 -3.93 -5.72
C TYR A 80 6.51 -3.49 -5.24
N SER A 81 7.45 -3.35 -6.18
CA SER A 81 8.82 -3.04 -5.82
C SER A 81 9.54 -1.88 -6.46
N ILE A 82 10.44 -1.29 -5.70
CA ILE A 82 11.26 -0.20 -6.16
C ILE A 82 12.48 -0.83 -6.82
N LYS A 83 13.25 -0.03 -7.55
CA LYS A 83 14.48 -0.46 -8.19
C LYS A 83 15.57 0.53 -7.77
N VAL A 84 16.48 0.07 -6.92
CA VAL A 84 17.57 0.91 -6.46
C VAL A 84 18.89 0.36 -7.02
N PRO A 85 19.27 0.74 -8.26
CA PRO A 85 20.56 0.20 -8.73
C PRO A 85 21.60 0.61 -7.68
N ASP A 86 22.42 -0.35 -7.26
CA ASP A 86 23.42 -0.16 -6.21
C ASP A 86 22.77 -0.64 -4.91
N GLY A 87 21.49 -0.97 -5.00
CA GLY A 87 20.75 -1.48 -3.84
C GLY A 87 20.99 -2.97 -3.79
N PRO A 88 21.61 -3.48 -2.72
CA PRO A 88 21.91 -4.91 -2.58
C PRO A 88 20.84 -5.85 -3.12
N LEU A 89 19.59 -5.63 -2.74
CA LEU A 89 18.53 -6.51 -3.20
C LEU A 89 17.93 -6.21 -4.57
N THR A 90 17.43 -4.98 -4.76
CA THR A 90 16.79 -4.66 -6.03
C THR A 90 17.69 -4.54 -7.26
N SER A 91 19.00 -4.40 -7.08
CA SER A 91 19.89 -4.35 -8.22
C SER A 91 19.78 -5.74 -8.86
N ARG A 92 19.52 -6.74 -8.02
CA ARG A 92 19.36 -8.11 -8.46
C ARG A 92 17.90 -8.43 -8.78
N LEU A 93 17.04 -8.18 -7.80
CA LEU A 93 15.61 -8.47 -7.93
C LEU A 93 14.94 -7.90 -9.18
N GLN A 94 15.39 -6.75 -9.66
CA GLN A 94 14.78 -6.16 -10.84
C GLN A 94 14.94 -7.05 -12.06
N HIS A 95 15.93 -7.95 -12.00
CA HIS A 95 16.21 -8.85 -13.10
C HIS A 95 15.44 -10.16 -13.02
N ILE A 96 14.83 -10.43 -11.87
CA ILE A 96 14.07 -11.65 -11.66
C ILE A 96 13.13 -11.98 -12.83
N LYS A 97 13.12 -13.24 -13.24
CA LYS A 97 12.27 -13.69 -14.36
C LYS A 97 11.24 -14.75 -13.94
N VAL A 98 10.21 -14.92 -14.75
CA VAL A 98 9.19 -15.92 -14.48
C VAL A 98 9.91 -17.28 -14.48
N GLY A 99 9.63 -18.11 -13.47
CA GLY A 99 10.27 -19.41 -13.39
C GLY A 99 11.41 -19.41 -12.39
N GLU A 100 11.95 -18.23 -12.09
CA GLU A 100 13.02 -18.15 -11.13
C GLU A 100 12.36 -18.07 -9.75
N GLN A 101 13.16 -18.06 -8.68
CA GLN A 101 12.57 -18.05 -7.34
C GLN A 101 13.09 -16.96 -6.41
N ILE A 102 12.34 -16.72 -5.34
CA ILE A 102 12.72 -15.74 -4.33
C ILE A 102 12.63 -16.40 -2.95
N ILE A 103 13.44 -15.90 -2.02
CA ILE A 103 13.44 -16.40 -0.65
C ILE A 103 12.31 -15.68 0.07
N LEU A 104 11.48 -16.42 0.79
CA LEU A 104 10.36 -15.84 1.51
C LEU A 104 10.23 -16.38 2.95
N ARG A 105 10.27 -15.49 3.94
CA ARG A 105 10.11 -15.87 5.35
C ARG A 105 8.60 -15.75 5.65
N PRO A 106 7.87 -16.88 5.60
CA PRO A 106 6.42 -16.90 5.85
C PRO A 106 5.94 -16.49 7.25
N LYS A 107 6.38 -15.32 7.71
CA LYS A 107 6.00 -14.80 9.02
C LYS A 107 5.58 -13.35 8.89
N PRO A 108 4.27 -13.11 8.73
CA PRO A 108 3.72 -11.76 8.59
C PRO A 108 3.75 -10.93 9.88
N VAL A 109 3.93 -9.62 9.71
CA VAL A 109 3.96 -8.63 10.78
C VAL A 109 3.57 -7.29 10.19
N GLY A 110 3.56 -6.25 11.02
CA GLY A 110 3.18 -4.94 10.54
C GLY A 110 2.10 -4.28 11.37
N THR A 111 1.98 -2.97 11.22
CA THR A 111 0.99 -2.18 11.95
C THR A 111 -0.22 -1.80 11.10
N LEU A 112 -0.19 -2.11 9.80
CA LEU A 112 -1.30 -1.73 8.93
C LEU A 112 -2.41 -2.78 8.82
N VAL A 113 -2.96 -3.16 9.97
CA VAL A 113 -4.03 -4.14 10.02
C VAL A 113 -5.34 -3.50 10.48
N ILE A 114 -6.45 -3.91 9.88
CA ILE A 114 -7.77 -3.40 10.22
C ILE A 114 -8.10 -3.55 11.72
N ASP A 115 -7.62 -4.63 12.33
CA ASP A 115 -7.88 -4.91 13.74
C ASP A 115 -7.29 -3.88 14.69
N ALA A 116 -6.39 -3.04 14.20
CA ALA A 116 -5.76 -2.03 15.04
C ALA A 116 -6.50 -0.71 14.98
N LEU A 117 -7.66 -0.71 14.33
CA LEU A 117 -8.47 0.50 14.18
C LEU A 117 -9.87 0.32 14.76
N LEU A 118 -10.39 1.35 15.42
CA LEU A 118 -11.74 1.28 15.97
C LEU A 118 -12.68 1.26 14.77
N PRO A 119 -13.84 0.59 14.89
CA PRO A 119 -14.75 0.57 13.75
C PRO A 119 -15.19 2.00 13.49
N GLY A 120 -15.65 2.27 12.27
CA GLY A 120 -16.08 3.61 11.92
C GLY A 120 -16.78 3.59 10.59
N LYS A 121 -16.95 4.75 9.97
CA LYS A 121 -17.62 4.87 8.68
C LYS A 121 -16.69 5.08 7.49
N ARG A 122 -15.66 5.89 7.67
CA ARG A 122 -14.76 6.18 6.57
C ARG A 122 -13.31 5.82 6.87
N LEU A 123 -12.72 5.03 5.98
CA LEU A 123 -11.34 4.58 6.14
C LEU A 123 -10.45 5.19 5.08
N TRP A 124 -9.40 5.89 5.51
CA TRP A 124 -8.48 6.51 4.57
C TRP A 124 -7.18 5.73 4.43
N PHE A 125 -6.66 5.67 3.21
CA PHE A 125 -5.40 5.01 2.92
C PHE A 125 -4.52 6.16 2.38
N LEU A 126 -3.45 6.49 3.10
CA LEU A 126 -2.58 7.59 2.69
C LEU A 126 -1.19 7.06 2.32
N ALA A 127 -0.85 7.11 1.04
CA ALA A 127 0.42 6.58 0.60
C ALA A 127 1.17 7.34 -0.47
N THR A 128 2.49 7.13 -0.50
CA THR A 128 3.35 7.73 -1.51
C THR A 128 4.25 6.63 -2.05
N GLY A 129 4.64 6.74 -3.31
CA GLY A 129 5.53 5.75 -3.90
C GLY A 129 5.07 4.31 -3.76
N THR A 130 5.98 3.43 -3.38
CA THR A 130 5.66 2.00 -3.22
C THR A 130 4.79 1.76 -1.98
N GLY A 131 4.57 2.83 -1.20
CA GLY A 131 3.75 2.72 -0.01
C GLY A 131 2.32 2.30 -0.30
N ILE A 132 1.97 2.27 -1.58
CA ILE A 132 0.62 1.87 -1.96
C ILE A 132 0.49 0.33 -1.90
N ALA A 133 1.62 -0.37 -1.82
CA ALA A 133 1.62 -1.84 -1.77
C ALA A 133 0.66 -2.50 -0.77
N PRO A 134 0.72 -2.12 0.53
CA PRO A 134 -0.17 -2.73 1.51
C PRO A 134 -1.63 -2.35 1.30
N PHE A 135 -1.87 -1.31 0.51
CA PHE A 135 -3.23 -0.88 0.24
C PHE A 135 -3.73 -1.55 -1.04
N ALA A 136 -2.79 -1.99 -1.87
CA ALA A 136 -3.14 -2.72 -3.08
C ALA A 136 -3.81 -3.98 -2.55
N SER A 137 -3.36 -4.39 -1.37
CA SER A 137 -3.87 -5.57 -0.69
C SER A 137 -5.19 -5.27 0.04
N LEU A 138 -5.16 -4.24 0.89
CA LEU A 138 -6.35 -3.85 1.66
C LEU A 138 -7.54 -3.37 0.81
N MET A 139 -7.27 -2.79 -0.36
CA MET A 139 -8.37 -2.34 -1.21
C MET A 139 -9.11 -3.54 -1.78
N ARG A 140 -8.43 -4.69 -1.81
CA ARG A 140 -9.04 -5.91 -2.32
C ARG A 140 -9.42 -6.84 -1.17
N GLU A 141 -9.42 -6.28 0.04
CA GLU A 141 -9.76 -7.03 1.25
C GLU A 141 -11.22 -6.77 1.65
N PRO A 142 -12.07 -7.81 1.55
CA PRO A 142 -13.50 -7.72 1.89
C PRO A 142 -13.81 -7.04 3.22
N GLU A 143 -13.05 -7.35 4.25
CA GLU A 143 -13.27 -6.76 5.57
C GLU A 143 -13.33 -5.23 5.54
N ALA A 144 -12.54 -4.61 4.67
CA ALA A 144 -12.52 -3.16 4.57
C ALA A 144 -13.89 -2.59 4.18
N TYR A 145 -14.59 -3.26 3.27
CA TYR A 145 -15.89 -2.81 2.81
C TYR A 145 -17.06 -3.23 3.69
N GLU A 146 -16.81 -4.07 4.68
CA GLU A 146 -17.88 -4.50 5.58
C GLU A 146 -17.75 -3.87 6.96
N LYS A 147 -16.55 -3.39 7.29
CA LYS A 147 -16.33 -2.73 8.58
C LYS A 147 -16.32 -1.21 8.40
N PHE A 148 -16.38 -0.76 7.15
CA PHE A 148 -16.38 0.65 6.83
C PHE A 148 -17.28 0.89 5.61
N ASP A 149 -17.97 2.02 5.59
CA ASP A 149 -18.85 2.36 4.48
C ASP A 149 -18.11 2.99 3.30
N GLU A 150 -17.01 3.69 3.59
CA GLU A 150 -16.23 4.34 2.54
C GLU A 150 -14.72 4.13 2.67
N VAL A 151 -14.07 3.90 1.53
CA VAL A 151 -12.64 3.71 1.53
C VAL A 151 -12.04 4.75 0.58
N ILE A 152 -11.21 5.64 1.13
CA ILE A 152 -10.57 6.69 0.34
C ILE A 152 -9.10 6.36 0.12
N MET A 153 -8.69 6.23 -1.14
CA MET A 153 -7.31 5.91 -1.49
C MET A 153 -6.56 7.13 -2.03
N MET A 154 -5.72 7.75 -1.20
CA MET A 154 -4.95 8.91 -1.64
C MET A 154 -3.53 8.42 -1.95
N HIS A 155 -3.14 8.48 -3.22
CA HIS A 155 -1.81 8.06 -3.61
C HIS A 155 -1.09 9.21 -4.27
N ALA A 156 0.04 9.63 -3.68
CA ALA A 156 0.84 10.72 -4.23
C ALA A 156 2.21 10.27 -4.69
N CYS A 157 2.52 10.57 -5.95
CA CYS A 157 3.80 10.24 -6.55
C CYS A 157 4.31 11.45 -7.34
N ARG A 158 5.57 11.42 -7.76
CA ARG A 158 6.13 12.52 -8.53
C ARG A 158 5.55 12.59 -9.96
N THR A 159 5.44 11.43 -10.62
CA THR A 159 4.94 11.41 -11.99
C THR A 159 3.66 10.60 -12.18
N VAL A 160 3.07 10.72 -13.37
CA VAL A 160 1.84 10.01 -13.70
C VAL A 160 2.08 8.51 -13.88
N ALA A 161 3.24 8.16 -14.42
CA ALA A 161 3.60 6.77 -14.66
C ALA A 161 3.69 5.96 -13.37
N GLU A 162 4.21 6.56 -12.31
CA GLU A 162 4.34 5.87 -11.03
C GLU A 162 2.99 5.58 -10.37
N LEU A 163 1.91 6.11 -10.94
CA LEU A 163 0.56 5.87 -10.40
C LEU A 163 -0.16 4.75 -11.15
N GLU A 164 0.40 4.33 -12.29
CA GLU A 164 -0.20 3.30 -13.13
C GLU A 164 -0.62 2.00 -12.43
N TYR A 165 0.33 1.36 -11.72
CA TYR A 165 0.03 0.12 -11.02
C TYR A 165 -1.23 0.26 -10.19
N GLY A 166 -1.30 1.32 -9.40
CA GLY A 166 -2.47 1.54 -8.58
C GLY A 166 -3.72 1.80 -9.40
N ARG A 167 -3.57 2.57 -10.47
CA ARG A 167 -4.70 2.91 -11.33
C ARG A 167 -5.32 1.65 -11.95
N GLN A 168 -4.49 0.83 -12.58
CA GLN A 168 -4.97 -0.40 -13.20
C GLN A 168 -5.63 -1.31 -12.19
N LEU A 169 -5.04 -1.41 -11.00
CA LEU A 169 -5.60 -2.24 -9.95
C LEU A 169 -6.99 -1.68 -9.60
N VAL A 170 -7.07 -0.39 -9.28
CA VAL A 170 -8.35 0.23 -8.94
C VAL A 170 -9.36 0.11 -10.08
N GLU A 171 -8.91 0.31 -11.32
CA GLU A 171 -9.78 0.22 -12.49
C GLU A 171 -10.42 -1.18 -12.57
N ALA A 172 -9.59 -2.22 -12.43
CA ALA A 172 -10.05 -3.59 -12.51
C ALA A 172 -11.10 -3.96 -11.46
N LEU A 173 -11.07 -3.28 -10.31
CA LEU A 173 -12.02 -3.55 -9.25
C LEU A 173 -13.37 -2.92 -9.59
N GLN A 174 -13.31 -1.72 -10.16
CA GLN A 174 -14.51 -0.99 -10.52
C GLN A 174 -15.16 -1.47 -11.81
N GLU A 175 -14.43 -2.23 -12.61
CA GLU A 175 -14.94 -2.75 -13.87
C GLU A 175 -15.38 -4.22 -13.72
N ASP A 176 -14.99 -4.85 -12.60
CA ASP A 176 -15.34 -6.25 -12.35
C ASP A 176 -16.84 -6.46 -12.59
N PRO A 177 -17.19 -7.42 -13.46
CA PRO A 177 -18.59 -7.72 -13.78
C PRO A 177 -19.51 -7.93 -12.55
N LEU A 178 -18.99 -8.60 -11.53
CA LEU A 178 -19.75 -8.91 -10.33
C LEU A 178 -19.76 -7.85 -9.23
N ILE A 179 -18.60 -7.27 -8.93
CA ILE A 179 -18.53 -6.26 -7.88
C ILE A 179 -18.02 -4.89 -8.33
N GLY A 180 -17.78 -4.75 -9.63
CA GLY A 180 -17.29 -3.48 -10.15
C GLY A 180 -18.21 -2.32 -9.79
N GLU A 181 -19.45 -2.63 -9.45
CA GLU A 181 -20.43 -1.61 -9.08
C GLU A 181 -20.62 -1.56 -7.58
N LEU A 182 -20.38 -2.68 -6.93
CA LEU A 182 -20.51 -2.79 -5.48
C LEU A 182 -19.39 -1.96 -4.85
N VAL A 183 -18.18 -2.09 -5.41
CA VAL A 183 -17.02 -1.35 -4.95
C VAL A 183 -17.19 0.12 -5.28
N GLU A 184 -17.40 0.41 -6.57
CA GLU A 184 -17.62 1.78 -7.02
C GLU A 184 -18.70 2.39 -6.11
N GLY A 185 -18.49 3.63 -5.69
CA GLY A 185 -19.44 4.26 -4.79
C GLY A 185 -18.98 4.08 -3.35
N LYS A 186 -18.32 2.95 -3.08
CA LYS A 186 -17.80 2.67 -1.74
C LYS A 186 -16.30 2.96 -1.72
N LEU A 187 -15.66 2.83 -2.88
CA LEU A 187 -14.22 3.09 -2.99
C LEU A 187 -13.97 4.34 -3.81
N LYS A 188 -13.28 5.32 -3.22
CA LYS A 188 -12.97 6.56 -3.91
C LYS A 188 -11.45 6.67 -4.13
N TYR A 189 -11.05 6.71 -5.39
CA TYR A 189 -9.63 6.77 -5.74
C TYR A 189 -9.21 8.22 -5.97
N TYR A 190 -8.23 8.70 -5.20
CA TYR A 190 -7.76 10.08 -5.31
C TYR A 190 -6.24 10.16 -5.55
N PRO A 191 -5.80 9.90 -6.79
CA PRO A 191 -4.37 9.97 -7.09
C PRO A 191 -3.90 11.39 -7.40
N THR A 192 -2.69 11.73 -6.98
CA THR A 192 -2.15 13.05 -7.28
C THR A 192 -0.67 12.95 -7.61
N THR A 193 -0.17 13.93 -8.36
CA THR A 193 1.23 13.98 -8.72
C THR A 193 1.76 15.28 -8.11
N THR A 194 3.07 15.40 -7.93
CA THR A 194 3.63 16.61 -7.36
C THR A 194 4.63 17.29 -8.28
N ARG A 195 4.94 16.61 -9.39
CA ARG A 195 5.88 17.15 -10.39
C ARG A 195 5.20 17.32 -11.75
N GLU A 196 4.82 16.20 -12.37
CA GLU A 196 4.18 16.23 -13.69
C GLU A 196 2.74 16.74 -13.65
N GLU A 197 2.32 17.40 -14.73
CA GLU A 197 0.96 17.95 -14.83
C GLU A 197 -0.06 16.80 -14.77
N PHE A 198 -1.15 17.03 -14.05
CA PHE A 198 -2.20 16.03 -13.89
C PHE A 198 -3.40 16.76 -13.30
N HIS A 199 -4.61 16.33 -13.65
CA HIS A 199 -5.83 17.00 -13.17
C HIS A 199 -5.96 17.20 -11.65
N HIS A 200 -5.22 16.42 -10.87
CA HIS A 200 -5.22 16.58 -9.41
C HIS A 200 -3.78 16.47 -8.93
N MET A 201 -3.29 17.52 -8.27
CA MET A 201 -1.92 17.52 -7.77
C MET A 201 -1.84 17.82 -6.28
N GLY A 202 -0.61 17.89 -5.77
CA GLY A 202 -0.39 18.19 -4.37
C GLY A 202 -0.12 17.02 -3.42
N ARG A 203 0.69 17.29 -2.40
CA ARG A 203 1.04 16.31 -1.37
C ARG A 203 -0.20 15.92 -0.56
N ILE A 204 -0.19 14.73 0.02
CA ILE A 204 -1.31 14.28 0.84
C ILE A 204 -1.52 15.28 1.97
N THR A 205 -0.45 15.62 2.68
CA THR A 205 -0.50 16.56 3.79
C THR A 205 -1.15 17.89 3.38
N ASP A 206 -0.65 18.53 2.33
CA ASP A 206 -1.22 19.80 1.88
C ASP A 206 -2.70 19.70 1.49
N ASN A 207 -3.07 18.66 0.75
CA ASN A 207 -4.46 18.53 0.32
C ASN A 207 -5.41 18.20 1.47
N LEU A 208 -4.88 17.67 2.57
CA LEU A 208 -5.70 17.37 3.73
C LEU A 208 -5.83 18.63 4.58
N ALA A 209 -4.72 19.33 4.74
CA ALA A 209 -4.67 20.56 5.53
C ALA A 209 -5.56 21.67 4.95
N SER A 210 -5.39 21.94 3.65
CA SER A 210 -6.17 22.96 2.97
C SER A 210 -7.62 22.57 2.77
N GLY A 211 -7.90 21.27 2.88
CA GLY A 211 -9.27 20.80 2.69
C GLY A 211 -9.65 20.56 1.25
N LYS A 212 -8.69 20.71 0.34
CA LYS A 212 -8.97 20.51 -1.08
C LYS A 212 -9.57 19.12 -1.37
N VAL A 213 -9.00 18.08 -0.77
CA VAL A 213 -9.50 16.73 -1.02
C VAL A 213 -10.94 16.52 -0.53
N PHE A 214 -11.30 17.11 0.61
CA PHE A 214 -12.67 16.96 1.10
C PHE A 214 -13.58 17.62 0.05
N GLU A 215 -13.09 18.71 -0.50
CA GLU A 215 -13.80 19.47 -1.52
C GLU A 215 -13.95 18.71 -2.82
N ASP A 216 -12.83 18.25 -3.40
CA ASP A 216 -12.87 17.53 -4.66
C ASP A 216 -13.74 16.27 -4.65
N LEU A 217 -13.80 15.61 -3.49
CA LEU A 217 -14.58 14.37 -3.37
C LEU A 217 -16.00 14.63 -2.86
N GLY A 218 -16.29 15.90 -2.51
CA GLY A 218 -17.61 16.24 -2.02
C GLY A 218 -17.97 15.50 -0.74
N ILE A 219 -17.09 15.55 0.24
CA ILE A 219 -17.31 14.89 1.52
C ILE A 219 -17.03 15.84 2.68
N ALA A 220 -17.57 15.51 3.84
CA ALA A 220 -17.40 16.32 5.03
C ALA A 220 -15.98 16.26 5.55
N PRO A 221 -15.56 17.27 6.31
CA PRO A 221 -14.20 17.28 6.87
C PRO A 221 -13.91 15.97 7.59
N MET A 222 -12.68 15.83 8.07
CA MET A 222 -12.26 14.63 8.79
C MET A 222 -12.59 14.79 10.27
N ASN A 223 -13.10 13.74 10.91
CA ASN A 223 -13.42 13.80 12.34
C ASN A 223 -13.29 12.42 13.01
N PRO A 224 -12.66 12.39 14.19
CA PRO A 224 -12.39 11.21 15.02
C PRO A 224 -13.56 10.24 15.14
N GLU A 225 -14.76 10.79 15.10
CA GLU A 225 -15.95 9.99 15.24
C GLU A 225 -16.21 9.06 14.06
N THR A 226 -15.98 9.56 12.85
CA THR A 226 -16.25 8.74 11.67
C THR A 226 -15.03 8.27 10.87
N ASP A 227 -13.92 9.00 10.98
CA ASP A 227 -12.72 8.68 10.21
C ASP A 227 -11.60 7.86 10.83
N ARG A 228 -11.07 6.95 10.02
CA ARG A 228 -9.96 6.07 10.41
C ARG A 228 -8.94 6.16 9.27
N ALA A 229 -7.64 6.08 9.61
CA ALA A 229 -6.61 6.17 8.57
C ALA A 229 -5.42 5.25 8.75
N MET A 230 -4.79 4.93 7.63
CA MET A 230 -3.59 4.09 7.57
C MET A 230 -2.61 4.89 6.72
N VAL A 231 -1.38 5.04 7.19
CA VAL A 231 -0.39 5.84 6.48
C VAL A 231 0.83 5.03 6.10
N CYS A 232 1.27 5.17 4.86
CA CYS A 232 2.45 4.43 4.39
C CYS A 232 3.30 5.20 3.38
N GLY A 233 4.45 5.70 3.84
CA GLY A 233 5.38 6.46 3.02
C GLY A 233 6.71 6.56 3.76
N SER A 234 7.53 7.55 3.41
CA SER A 234 8.81 7.71 4.10
C SER A 234 8.55 8.08 5.55
N LEU A 235 9.58 8.00 6.38
CA LEU A 235 9.43 8.38 7.78
C LEU A 235 8.99 9.85 7.90
N ALA A 236 9.59 10.73 7.10
CA ALA A 236 9.25 12.15 7.13
C ALA A 236 7.79 12.35 6.76
N PHE A 237 7.34 11.62 5.75
CA PHE A 237 5.96 11.70 5.29
C PHE A 237 5.05 11.30 6.44
N ASN A 238 5.33 10.11 7.00
CA ASN A 238 4.57 9.58 8.12
C ASN A 238 4.43 10.60 9.24
N VAL A 239 5.54 11.22 9.62
CA VAL A 239 5.52 12.22 10.68
C VAL A 239 4.63 13.41 10.33
N ASP A 240 4.84 13.99 9.14
CA ASP A 240 4.04 15.14 8.71
C ASP A 240 2.57 14.78 8.60
N VAL A 241 2.28 13.55 8.16
CA VAL A 241 0.88 13.14 8.03
C VAL A 241 0.25 12.93 9.40
N MET A 242 0.99 12.39 10.36
CA MET A 242 0.44 12.17 11.68
C MET A 242 -0.02 13.52 12.28
N LYS A 243 0.79 14.56 12.12
CA LYS A 243 0.44 15.89 12.62
C LYS A 243 -0.87 16.40 12.01
N VAL A 244 -1.05 16.19 10.71
CA VAL A 244 -2.27 16.64 10.05
C VAL A 244 -3.47 15.84 10.57
N LEU A 245 -3.28 14.53 10.76
CA LEU A 245 -4.36 13.69 11.26
C LEU A 245 -4.76 14.08 12.69
N GLU A 246 -3.75 14.33 13.53
CA GLU A 246 -3.99 14.71 14.92
C GLU A 246 -4.61 16.10 15.03
N SER A 247 -4.44 16.92 14.00
CA SER A 247 -4.99 18.26 13.98
C SER A 247 -6.46 18.21 13.60
N TYR A 248 -6.95 17.03 13.25
CA TYR A 248 -8.35 16.86 12.89
C TYR A 248 -9.09 16.13 13.98
N GLY A 249 -8.33 15.69 14.99
CA GLY A 249 -8.92 14.97 16.11
C GLY A 249 -8.59 13.50 16.24
N LEU A 250 -8.03 12.88 15.19
CA LEU A 250 -7.68 11.45 15.23
C LEU A 250 -6.44 11.15 16.07
N ARG A 251 -6.36 9.94 16.62
CA ARG A 251 -5.21 9.55 17.44
C ARG A 251 -4.62 8.22 17.01
N GLU A 252 -3.33 8.02 17.31
CA GLU A 252 -2.66 6.79 16.94
C GLU A 252 -3.12 5.62 17.80
N GLY A 253 -3.30 4.48 17.14
CA GLY A 253 -3.73 3.29 17.84
C GLY A 253 -2.75 2.15 17.62
N ALA A 254 -3.09 0.98 18.15
CA ALA A 254 -2.27 -0.22 18.02
C ALA A 254 -3.19 -1.42 18.17
N ASN A 255 -2.64 -2.62 18.02
CA ASN A 255 -3.44 -3.83 18.11
C ASN A 255 -3.94 -4.07 19.54
N SER A 256 -3.24 -3.52 20.53
CA SER A 256 -3.61 -3.68 21.93
C SER A 256 -4.62 -2.61 22.34
N GLU A 257 -4.47 -1.40 21.80
CA GLU A 257 -5.36 -0.30 22.11
C GLU A 257 -5.77 0.41 20.81
N PRO A 258 -6.71 -0.18 20.05
CA PRO A 258 -7.21 0.38 18.78
C PRO A 258 -7.66 1.83 18.89
N ARG A 259 -7.33 2.64 17.89
CA ARG A 259 -7.72 4.05 17.88
C ARG A 259 -8.20 4.47 16.49
N GLU A 260 -7.82 5.68 16.07
CA GLU A 260 -8.23 6.20 14.77
C GLU A 260 -7.23 6.00 13.60
N PHE A 261 -5.93 5.95 13.88
CA PHE A 261 -4.97 5.75 12.78
C PHE A 261 -3.74 4.91 13.14
N VAL A 262 -3.09 4.37 12.12
CA VAL A 262 -1.89 3.54 12.27
C VAL A 262 -0.93 3.87 11.12
N VAL A 263 0.37 3.77 11.37
CA VAL A 263 1.34 4.09 10.34
C VAL A 263 2.47 3.06 10.20
N GLU A 264 3.12 3.07 9.05
CA GLU A 264 4.23 2.16 8.79
C GLU A 264 5.16 2.77 7.76
N LYS A 265 6.47 2.61 7.97
CA LYS A 265 7.47 3.13 7.04
C LYS A 265 7.36 2.38 5.70
N ALA A 266 7.33 3.11 4.60
CA ALA A 266 7.26 2.48 3.28
C ALA A 266 8.64 1.92 2.94
N PHE A 267 9.66 2.55 3.52
CA PHE A 267 11.06 2.16 3.33
C PHE A 267 11.91 2.88 4.39
N VAL A 268 13.16 2.48 4.52
CA VAL A 268 14.05 3.11 5.50
C VAL A 268 14.90 4.15 4.78
N GLY A 269 15.08 5.31 5.41
CA GLY A 269 15.88 6.36 4.80
C GLY A 269 15.05 7.43 4.13
N GLU A 270 15.72 8.32 3.40
CA GLU A 270 15.03 9.41 2.71
C GLU A 270 14.38 9.00 1.40
N GLY A 271 14.81 7.86 0.86
CA GLY A 271 14.23 7.38 -0.38
C GLY A 271 14.89 8.00 -1.58
N ILE A 272 14.91 7.26 -2.69
CA ILE A 272 15.53 7.76 -3.92
C ILE A 272 14.64 8.79 -4.60
PA FAD B . 18.31 -0.53 0.00
O1A FAD B . 17.45 -1.14 0.93
O2A FAD B . 19.80 -0.49 0.35
O5B FAD B . 17.93 1.02 -0.01
C5B FAD B . 18.75 1.96 -0.65
C4B FAD B . 17.83 3.20 -0.71
O4B FAD B . 16.74 3.16 -1.66
C3B FAD B . 17.10 3.34 0.63
O3B FAD B . 18.00 3.86 1.57
C2B FAD B . 15.96 4.30 0.37
O2B FAD B . 16.48 5.67 0.39
C1B FAD B . 15.62 3.79 -1.05
N9A FAD B . 14.50 2.82 -1.07
C8A FAD B . 14.45 1.54 -0.67
N7A FAD B . 13.23 1.04 -0.88
C5A FAD B . 12.46 2.04 -1.41
C6A FAD B . 11.13 2.10 -1.83
N6A FAD B . 10.30 1.12 -1.76
N1A FAD B . 10.66 3.25 -2.33
C2A FAD B . 11.46 4.36 -2.49
N3A FAD B . 12.79 4.32 -2.06
C4A FAD B . 13.27 3.16 -1.52
N1 FAD B . 9.95 -1.73 -0.69
C2 FAD B . 9.26 -2.02 -1.81
O2 FAD B . 9.78 -1.81 -2.91
N3 FAD B . 8.04 -2.61 -1.69
C4 FAD B . 7.44 -2.84 -0.47
O4 FAD B . 6.35 -3.48 -0.43
C4X FAD B . 8.18 -2.51 0.65
N5 FAD B . 7.68 -2.78 1.88
C5X FAD B . 8.43 -2.36 2.99
C6 FAD B . 7.97 -2.60 4.34
C7 FAD B . 8.64 -2.24 5.50
C7M FAD B . 7.90 -2.42 6.76
C8 FAD B . 9.93 -1.65 5.36
C8M FAD B . 10.84 -1.14 6.45
C9 FAD B . 10.42 -1.45 4.07
C9A FAD B . 9.72 -1.83 2.88
N10 FAD B . 10.26 -1.56 1.62
C10 FAD B . 9.45 -1.97 0.50
C1' FAD B . 11.71 -1.31 1.41
C2' FAD B . 12.45 -2.69 1.31
O2' FAD B . 12.55 -3.32 2.57
C3' FAD B . 13.80 -2.55 0.74
O3' FAD B . 14.46 -1.35 1.12
C4' FAD B . 13.84 -2.55 -0.86
O4' FAD B . 13.67 -3.88 -1.29
C5' FAD B . 15.10 -1.95 -1.43
O5' FAD B . 16.18 -2.81 -1.16
P FAD B . 17.62 -2.62 -1.80
O1P FAD B . 18.52 -3.63 -1.13
O2P FAD B . 17.55 -2.78 -3.38
O3P FAD B . 18.06 -1.15 -1.53
P1 A2P C . 7.23 16.35 -3.46
O1P A2P C . 8.33 16.16 -2.44
O2P A2P C . 7.69 16.03 -4.82
O3P A2P C . 6.54 17.64 -3.20
P2 A2P C . 9.72 10.55 -3.13
O4P A2P C . 10.80 11.59 -2.99
O5P A2P C . 9.85 9.50 -2.04
O6P A2P C . 9.73 10.07 -4.56
O5' A2P C . 8.32 11.29 -2.96
C5' A2P C . 7.09 10.63 -3.19
C4' A2P C . 5.94 11.62 -2.93
O4' A2P C . 5.68 12.05 -1.58
C3' A2P C . 6.09 12.92 -3.73
O3' A2P C . 4.83 13.36 -4.22
C2' A2P C . 6.65 13.88 -2.70
O2' A2P C . 6.21 15.21 -2.95
C1' A2P C . 5.87 13.47 -1.46
N9 A2P C . 6.52 13.74 -0.16
C8 A2P C . 7.83 13.50 0.16
N7 A2P C . 8.11 13.79 1.45
C5 A2P C . 6.94 14.22 1.94
C6 A2P C . 6.49 14.68 3.26
N6 A2P C . 7.37 14.77 4.27
N1 A2P C . 5.22 15.02 3.40
C2 A2P C . 4.34 14.97 2.39
N3 A2P C . 4.65 14.58 1.14
C4 A2P C . 5.89 14.17 0.92
C1 HTG D . 18.07 -16.57 -6.71
S1 HTG D . 17.85 -17.45 -5.10
C2 HTG D . 19.51 -16.00 -6.90
O2 HTG D . 19.81 -15.10 -5.85
C3 HTG D . 19.56 -15.31 -8.29
O3 HTG D . 20.84 -14.77 -8.55
C4 HTG D . 19.23 -16.37 -9.39
O4 HTG D . 19.26 -15.72 -10.66
C5 HTG D . 17.80 -16.99 -9.12
O5 HTG D . 17.72 -17.48 -7.76
C6 HTG D . 17.41 -18.20 -10.03
O6 HTG D . 16.39 -19.04 -9.43
C1' HTG D . 16.18 -18.09 -4.95
C2' HTG D . 15.92 -18.88 -3.66
C3' HTG D . 15.99 -20.39 -3.86
C4' HTG D . 17.38 -21.07 -4.03
C5' HTG D . 17.37 -22.61 -4.08
C6' HTG D . 18.77 -23.25 -3.88
C7' HTG D . 18.76 -24.79 -3.93
#